data_4Z8E
#
_entry.id   4Z8E
#
_cell.length_a   55.590
_cell.length_b   96.547
_cell.length_c   84.917
_cell.angle_alpha   90.00
_cell.angle_beta   90.00
_cell.angle_gamma   90.00
#
_symmetry.space_group_name_H-M   'C 2 2 21'
#
loop_
_entity.id
_entity.type
_entity.pdbx_description
1 polymer 'Transcriptional enhancer factor TEF-1'
2 water water
#
_entity_poly.entity_id   1
_entity_poly.type   'polypeptide(L)'
_entity_poly.pdbx_seq_one_letter_code
;MDNDAEGVWSPDIEQSFQEALSIYPGKMYGRNELIARYIKLRTGKTRTRKQVSSHIQVLARRKSRDLVPR
;
_entity_poly.pdbx_strand_id   A,B,C
#
# COMPACT_ATOMS: atom_id res chain seq x y z
N ASN A 3 19.31 14.48 -28.12
CA ASN A 3 19.27 14.10 -26.72
C ASN A 3 20.66 13.60 -26.25
N ASP A 4 20.75 12.38 -25.64
CA ASP A 4 22.00 11.76 -25.17
C ASP A 4 21.88 10.26 -24.86
N ALA A 5 21.08 9.90 -23.82
CA ALA A 5 20.80 8.54 -23.28
C ALA A 5 21.93 8.01 -22.37
N GLU A 6 23.20 8.11 -22.81
CA GLU A 6 24.37 7.71 -22.05
C GLU A 6 24.51 8.63 -20.83
N GLY A 7 24.37 9.94 -21.09
CA GLY A 7 24.45 10.99 -20.08
C GLY A 7 23.18 11.16 -19.28
N VAL A 8 21.98 11.03 -19.94
CA VAL A 8 20.69 11.11 -19.25
C VAL A 8 20.68 10.05 -18.15
N TRP A 9 21.08 8.81 -18.46
CA TRP A 9 21.14 7.69 -17.52
C TRP A 9 22.58 7.32 -17.16
N SER A 10 23.27 8.25 -16.47
CA SER A 10 24.64 8.09 -15.99
C SER A 10 24.67 7.00 -14.89
N PRO A 11 25.85 6.35 -14.62
CA PRO A 11 25.90 5.28 -13.61
C PRO A 11 25.28 5.62 -12.24
N ASP A 12 25.44 6.84 -11.71
CA ASP A 12 24.87 7.21 -10.41
C ASP A 12 23.34 7.25 -10.47
N ILE A 13 22.80 7.77 -11.59
CA ILE A 13 21.37 7.86 -11.82
C ILE A 13 20.79 6.48 -12.05
N GLU A 14 21.46 5.69 -12.88
CA GLU A 14 21.09 4.32 -13.20
C GLU A 14 21.03 3.44 -11.93
N GLN A 15 22.01 3.57 -11.01
CA GLN A 15 22.01 2.84 -9.73
C GLN A 15 20.78 3.24 -8.90
N SER A 16 20.49 4.55 -8.77
CA SER A 16 19.30 5.01 -8.04
C SER A 16 18.00 4.55 -8.71
N PHE A 17 17.96 4.53 -10.04
CA PHE A 17 16.81 4.07 -10.82
C PHE A 17 16.50 2.59 -10.49
N GLN A 18 17.53 1.72 -10.49
CA GLN A 18 17.37 0.29 -10.21
C GLN A 18 16.93 0.03 -8.79
N GLU A 19 17.44 0.82 -7.83
CA GLU A 19 17.01 0.71 -6.43
C GLU A 19 15.53 1.06 -6.34
N ALA A 20 15.09 2.17 -7.01
CA ALA A 20 13.68 2.61 -6.99
C ALA A 20 12.77 1.58 -7.65
N LEU A 21 13.25 0.96 -8.76
CA LEU A 21 12.49 -0.09 -9.46
C LEU A 21 12.24 -1.30 -8.54
N SER A 22 13.24 -1.65 -7.71
CA SER A 22 13.10 -2.78 -6.78
C SER A 22 12.18 -2.41 -5.60
N ILE A 23 12.21 -1.11 -5.14
CA ILE A 23 11.38 -0.63 -4.04
C ILE A 23 9.90 -0.47 -4.46
N TYR A 24 9.64 0.26 -5.55
CA TYR A 24 8.27 0.59 -5.99
C TYR A 24 7.81 -0.34 -7.10
N PRO A 25 6.83 -1.21 -6.81
CA PRO A 25 6.38 -2.15 -7.86
C PRO A 25 5.49 -1.51 -8.93
N GLY A 26 5.33 -2.19 -10.06
CA GLY A 26 4.44 -1.72 -11.13
C GLY A 26 3.00 -2.11 -10.84
N LYS A 27 2.80 -3.25 -10.16
CA LYS A 27 1.51 -3.87 -9.83
C LYS A 27 1.12 -3.70 -8.34
N MET A 28 -0.20 -3.73 -8.03
N MET A 28 -0.18 -3.67 -8.02
CA MET A 28 -0.76 -3.62 -6.66
CA MET A 28 -0.65 -3.57 -6.63
C MET A 28 -0.76 -5.05 -6.09
C MET A 28 -0.76 -4.99 -6.07
N TYR A 29 0.14 -5.33 -5.15
CA TYR A 29 0.20 -6.65 -4.52
C TYR A 29 -0.83 -6.75 -3.43
N GLY A 30 -1.38 -7.95 -3.28
CA GLY A 30 -2.41 -8.24 -2.29
C GLY A 30 -3.80 -7.78 -2.67
N ARG A 31 -4.01 -7.35 -3.94
CA ARG A 31 -5.30 -6.87 -4.46
C ARG A 31 -6.45 -7.86 -4.33
N ASN A 32 -6.25 -9.13 -4.75
CA ASN A 32 -7.29 -10.15 -4.67
C ASN A 32 -7.71 -10.48 -3.24
N GLU A 33 -6.76 -10.36 -2.30
CA GLU A 33 -7.00 -10.56 -0.88
C GLU A 33 -7.80 -9.39 -0.34
N LEU A 34 -7.48 -8.17 -0.80
CA LEU A 34 -8.21 -6.97 -0.38
C LEU A 34 -9.66 -7.00 -0.85
N ILE A 35 -9.91 -7.49 -2.10
CA ILE A 35 -11.27 -7.62 -2.67
C ILE A 35 -12.05 -8.69 -1.86
N ALA A 36 -11.41 -9.87 -1.59
CA ALA A 36 -12.03 -10.95 -0.81
C ALA A 36 -12.41 -10.44 0.59
N ARG A 37 -11.50 -9.67 1.23
CA ARG A 37 -11.74 -9.07 2.56
C ARG A 37 -12.92 -8.08 2.50
N TYR A 38 -12.94 -7.21 1.50
CA TYR A 38 -14.00 -6.21 1.35
C TYR A 38 -15.38 -6.88 1.21
N ILE A 39 -15.46 -7.96 0.38
CA ILE A 39 -16.70 -8.72 0.18
C ILE A 39 -17.16 -9.31 1.53
N LYS A 40 -16.22 -9.90 2.29
CA LYS A 40 -16.48 -10.50 3.58
C LYS A 40 -17.04 -9.49 4.57
N LEU A 41 -16.40 -8.33 4.68
CA LEU A 41 -16.86 -7.31 5.62
C LEU A 41 -18.19 -6.70 5.25
N ARG A 42 -18.44 -6.56 3.95
CA ARG A 42 -19.68 -5.94 3.47
C ARG A 42 -20.90 -6.87 3.46
N THR A 43 -20.72 -8.14 3.05
CA THR A 43 -21.83 -9.10 2.90
C THR A 43 -21.87 -10.16 4.01
N GLY A 44 -20.73 -10.40 4.64
CA GLY A 44 -20.59 -11.47 5.63
C GLY A 44 -20.27 -12.80 5.00
N LYS A 45 -20.15 -12.83 3.65
CA LYS A 45 -19.88 -14.06 2.87
C LYS A 45 -18.43 -14.18 2.48
N THR A 46 -17.92 -15.42 2.59
CA THR A 46 -16.53 -15.78 2.32
C THR A 46 -16.38 -16.24 0.87
N ARG A 47 -15.54 -15.53 0.16
CA ARG A 47 -15.09 -15.85 -1.20
C ARG A 47 -13.58 -15.76 -1.10
N THR A 48 -12.87 -16.69 -1.66
CA THR A 48 -11.42 -16.73 -1.50
C THR A 48 -10.65 -15.78 -2.47
N ARG A 49 -9.35 -15.58 -2.21
CA ARG A 49 -8.47 -14.80 -3.09
C ARG A 49 -8.43 -15.44 -4.50
N LYS A 50 -8.40 -16.80 -4.55
CA LYS A 50 -8.40 -17.59 -5.79
C LYS A 50 -9.70 -17.44 -6.60
N GLN A 51 -10.87 -17.42 -5.94
CA GLN A 51 -12.18 -17.26 -6.60
C GLN A 51 -12.28 -15.83 -7.18
N VAL A 52 -11.74 -14.86 -6.42
CA VAL A 52 -11.67 -13.45 -6.79
C VAL A 52 -10.80 -13.30 -8.03
N SER A 53 -9.59 -13.91 -8.01
CA SER A 53 -8.63 -13.90 -9.12
C SER A 53 -9.23 -14.51 -10.38
N SER A 54 -9.87 -15.67 -10.23
CA SER A 54 -10.54 -16.39 -11.31
C SER A 54 -11.71 -15.57 -11.88
N HIS A 55 -12.46 -14.85 -11.01
CA HIS A 55 -13.57 -13.99 -11.41
C HIS A 55 -13.09 -12.76 -12.20
N ILE A 56 -11.93 -12.20 -11.84
CA ILE A 56 -11.33 -11.04 -12.54
C ILE A 56 -10.97 -11.44 -13.98
N GLN A 57 -10.36 -12.63 -14.14
CA GLN A 57 -9.96 -13.19 -15.44
C GLN A 57 -11.16 -13.48 -16.35
N VAL A 58 -12.26 -14.04 -15.79
CA VAL A 58 -13.49 -14.34 -16.53
C VAL A 58 -14.12 -13.02 -17.03
N LEU A 59 -14.25 -12.01 -16.14
CA LEU A 59 -14.83 -10.70 -16.44
C LEU A 59 -13.97 -9.84 -17.40
N ALA A 60 -12.65 -10.11 -17.47
CA ALA A 60 -11.72 -9.41 -18.38
C ALA A 60 -11.74 -10.05 -19.78
N ARG A 61 -12.26 -11.29 -19.88
CA ARG A 61 -12.37 -12.05 -21.13
C ARG A 61 -13.83 -12.20 -21.56
N ASP B 4 -13.03 23.85 -20.15
CA ASP B 4 -14.44 23.51 -19.98
C ASP B 4 -14.78 23.13 -18.55
N ALA B 5 -15.95 23.58 -18.09
CA ALA B 5 -16.50 23.33 -16.75
C ALA B 5 -18.02 23.09 -16.88
N GLU B 6 -18.68 23.74 -17.86
CA GLU B 6 -20.12 23.62 -18.13
C GLU B 6 -20.52 22.19 -18.55
N GLY B 7 -21.43 21.58 -17.80
CA GLY B 7 -21.94 20.22 -18.02
C GLY B 7 -21.02 19.08 -17.63
N VAL B 8 -19.78 19.38 -17.25
CA VAL B 8 -18.72 18.40 -16.98
C VAL B 8 -18.95 17.57 -15.66
N TRP B 9 -19.45 18.23 -14.61
CA TRP B 9 -19.67 17.67 -13.29
C TRP B 9 -21.16 17.47 -12.97
N SER B 10 -21.74 16.45 -13.61
CA SER B 10 -23.14 16.08 -13.40
C SER B 10 -23.33 15.42 -12.02
N PRO B 11 -24.57 15.39 -11.45
CA PRO B 11 -24.78 14.76 -10.12
C PRO B 11 -24.18 13.36 -9.91
N ASP B 12 -24.27 12.47 -10.92
CA ASP B 12 -23.71 11.10 -10.78
C ASP B 12 -22.19 11.15 -10.69
N ILE B 13 -21.57 12.05 -11.48
CA ILE B 13 -20.12 12.24 -11.49
C ILE B 13 -19.68 12.88 -10.19
N GLU B 14 -20.41 13.89 -9.69
CA GLU B 14 -20.10 14.59 -8.42
C GLU B 14 -20.15 13.61 -7.24
N GLN B 15 -21.18 12.76 -7.22
CA GLN B 15 -21.28 11.75 -6.17
C GLN B 15 -20.02 10.85 -6.18
N SER B 16 -19.63 10.33 -7.36
CA SER B 16 -18.45 9.47 -7.49
C SER B 16 -17.17 10.21 -7.17
N PHE B 17 -17.08 11.49 -7.54
CA PHE B 17 -15.93 12.34 -7.29
C PHE B 17 -15.70 12.48 -5.77
N GLN B 18 -16.78 12.78 -5.02
CA GLN B 18 -16.74 12.95 -3.57
C GLN B 18 -16.40 11.66 -2.85
N GLU B 19 -16.89 10.52 -3.33
CA GLU B 19 -16.54 9.24 -2.74
C GLU B 19 -15.02 9.01 -2.95
N ALA B 20 -14.49 9.29 -4.16
CA ALA B 20 -13.07 9.10 -4.45
C ALA B 20 -12.20 10.04 -3.61
N LEU B 21 -12.66 11.28 -3.39
CA LEU B 21 -11.95 12.27 -2.59
C LEU B 21 -11.83 11.80 -1.14
N SER B 22 -12.90 11.17 -0.61
CA SER B 22 -12.88 10.66 0.74
C SER B 22 -12.02 9.39 0.87
N ILE B 23 -11.99 8.54 -0.20
CA ILE B 23 -11.19 7.31 -0.24
C ILE B 23 -9.70 7.60 -0.40
N TYR B 24 -9.32 8.38 -1.44
CA TYR B 24 -7.92 8.64 -1.77
C TYR B 24 -7.42 9.95 -1.19
N PRO B 25 -6.53 9.89 -0.17
CA PRO B 25 -6.03 11.13 0.46
C PRO B 25 -4.97 11.84 -0.39
N GLY B 26 -4.72 13.11 -0.08
CA GLY B 26 -3.67 13.88 -0.75
C GLY B 26 -2.30 13.59 -0.16
N LYS B 27 -2.26 13.30 1.16
CA LYS B 27 -1.08 13.06 2.00
C LYS B 27 -0.85 11.57 2.34
N MET B 28 0.44 11.19 2.66
CA MET B 28 0.87 9.86 3.09
C MET B 28 0.72 9.79 4.60
N TYR B 29 -0.31 9.06 5.08
CA TYR B 29 -0.56 8.91 6.51
C TYR B 29 0.32 7.81 7.08
N GLY B 30 0.74 7.99 8.31
CA GLY B 30 1.61 7.06 9.04
C GLY B 30 3.08 7.13 8.61
N ARG B 31 3.46 8.19 7.88
CA ARG B 31 4.82 8.40 7.38
C ARG B 31 5.88 8.45 8.47
N ASN B 32 5.64 9.21 9.53
CA ASN B 32 6.58 9.36 10.62
C ASN B 32 6.83 8.04 11.34
N GLU B 33 5.77 7.23 11.46
CA GLU B 33 5.83 5.91 12.09
C GLU B 33 6.60 4.96 11.21
N LEU B 34 6.44 5.06 9.87
CA LEU B 34 7.18 4.23 8.92
C LEU B 34 8.67 4.54 8.97
N ILE B 35 9.03 5.83 9.10
CA ILE B 35 10.43 6.28 9.20
C ILE B 35 11.04 5.76 10.52
N ALA B 36 10.31 5.93 11.64
CA ALA B 36 10.74 5.46 12.96
C ALA B 36 10.97 3.93 12.95
N ARG B 37 10.05 3.19 12.30
CA ARG B 37 10.15 1.73 12.15
C ARG B 37 11.38 1.36 11.30
N TYR B 38 11.59 2.05 10.18
CA TYR B 38 12.72 1.78 9.28
C TYR B 38 14.06 1.94 10.05
N ILE B 39 14.20 3.05 10.83
CA ILE B 39 15.39 3.32 11.65
C ILE B 39 15.60 2.18 12.63
N LYS B 40 14.52 1.75 13.30
CA LYS B 40 14.55 0.66 14.29
C LYS B 40 15.04 -0.63 13.69
N LEU B 41 14.47 -1.06 12.55
CA LEU B 41 14.86 -2.34 11.94
C LEU B 41 16.26 -2.32 11.38
N ARG B 42 16.72 -1.15 10.91
CA ARG B 42 18.05 -0.99 10.33
C ARG B 42 19.18 -0.82 11.36
N THR B 43 19.00 0.04 12.37
CA THR B 43 20.01 0.39 13.39
C THR B 43 19.83 -0.27 14.76
N GLY B 44 18.60 -0.74 15.04
CA GLY B 44 18.25 -1.34 16.32
C GLY B 44 17.87 -0.30 17.36
N LYS B 45 17.92 0.98 16.98
CA LYS B 45 17.64 2.13 17.85
C LYS B 45 16.24 2.69 17.69
N THR B 46 15.60 2.99 18.83
CA THR B 46 14.25 3.55 18.92
C THR B 46 14.27 5.07 18.93
N ARG B 47 13.61 5.65 17.93
CA ARG B 47 13.40 7.07 17.83
C ARG B 47 11.89 7.21 17.70
N THR B 48 11.37 8.07 18.56
CA THR B 48 9.96 8.38 18.74
C THR B 48 9.38 9.04 17.47
N ARG B 49 8.03 8.94 17.26
CA ARG B 49 7.38 9.57 16.08
C ARG B 49 7.53 11.09 16.12
N LYS B 50 7.51 11.69 17.33
CA LYS B 50 7.66 13.13 17.54
C LYS B 50 9.07 13.61 17.18
N GLN B 51 10.12 12.85 17.56
CA GLN B 51 11.54 13.09 17.27
C GLN B 51 11.74 13.09 15.76
N VAL B 52 11.16 12.09 15.07
CA VAL B 52 11.23 11.94 13.62
C VAL B 52 10.54 13.17 12.95
N SER B 53 9.30 13.47 13.39
CA SER B 53 8.47 14.59 12.91
C SER B 53 9.21 15.92 13.08
N SER B 54 9.79 16.14 14.27
CA SER B 54 10.55 17.34 14.62
C SER B 54 11.76 17.51 13.72
N HIS B 55 12.44 16.38 13.41
CA HIS B 55 13.61 16.35 12.55
C HIS B 55 13.29 16.68 11.10
N ILE B 56 12.13 16.23 10.60
CA ILE B 56 11.65 16.51 9.24
C ILE B 56 11.41 18.03 9.08
N GLN B 57 10.77 18.67 10.09
CA GLN B 57 10.47 20.10 10.11
C GLN B 57 11.73 20.96 10.13
N VAL B 58 12.74 20.57 10.95
CA VAL B 58 14.03 21.26 11.07
C VAL B 58 14.77 21.20 9.71
N LEU B 59 14.87 20.00 9.11
CA LEU B 59 15.54 19.76 7.84
C LEU B 59 14.82 20.37 6.62
N ALA B 60 13.50 20.64 6.73
CA ALA B 60 12.71 21.27 5.66
C ALA B 60 12.83 22.80 5.74
N ARG B 61 13.29 23.33 6.90
CA ARG B 61 13.48 24.76 7.15
C ARG B 61 14.97 25.11 7.25
N GLY C 7 -22.76 9.55 22.89
CA GLY C 7 -23.47 10.33 21.88
C GLY C 7 -22.56 10.92 20.84
N VAL C 8 -21.33 10.47 20.88
CA VAL C 8 -20.29 10.86 19.95
C VAL C 8 -20.39 9.94 18.70
N TRP C 9 -20.82 8.67 18.86
N TRP C 9 -20.86 8.71 18.88
CA TRP C 9 -20.95 7.70 17.77
CA TRP C 9 -20.98 7.73 17.80
C TRP C 9 -22.39 7.58 17.29
C TRP C 9 -22.41 7.59 17.31
N SER C 10 -22.90 8.64 16.62
CA SER C 10 -24.27 8.67 16.08
C SER C 10 -24.39 7.77 14.84
N PRO C 11 -25.61 7.33 14.42
CA PRO C 11 -25.72 6.43 13.26
C PRO C 11 -24.97 6.83 11.97
N ASP C 12 -24.88 8.13 11.65
CA ASP C 12 -24.16 8.57 10.46
C ASP C 12 -22.66 8.33 10.61
N ILE C 13 -22.13 8.58 11.82
CA ILE C 13 -20.70 8.36 12.10
C ILE C 13 -20.37 6.87 12.11
N GLU C 14 -21.20 6.06 12.76
CA GLU C 14 -21.03 4.61 12.84
C GLU C 14 -21.03 4.01 11.43
N GLN C 15 -21.98 4.43 10.56
CA GLN C 15 -22.04 3.96 9.17
C GLN C 15 -20.74 4.28 8.41
N SER C 16 -20.24 5.54 8.53
CA SER C 16 -19.01 5.96 7.87
C SER C 16 -17.83 5.23 8.42
N PHE C 17 -17.81 4.97 9.74
CA PHE C 17 -16.72 4.22 10.35
C PHE C 17 -16.69 2.79 9.77
N GLN C 18 -17.85 2.18 9.65
CA GLN C 18 -18.01 0.83 9.10
C GLN C 18 -17.50 0.75 7.66
N GLU C 19 -17.81 1.75 6.85
CA GLU C 19 -17.33 1.81 5.47
C GLU C 19 -15.81 1.97 5.45
N ALA C 20 -15.25 2.89 6.25
CA ALA C 20 -13.79 3.13 6.32
C ALA C 20 -13.05 1.88 6.82
N LEU C 21 -13.66 1.13 7.78
CA LEU C 21 -13.08 -0.11 8.29
C LEU C 21 -12.96 -1.16 7.18
N SER C 22 -13.97 -1.20 6.29
CA SER C 22 -13.97 -2.15 5.17
C SER C 22 -12.97 -1.73 4.09
N ILE C 23 -12.79 -0.40 3.87
CA ILE C 23 -11.87 0.17 2.88
C ILE C 23 -10.41 0.03 3.32
N TYR C 24 -10.07 0.51 4.53
CA TYR C 24 -8.70 0.52 5.04
C TYR C 24 -8.39 -0.66 5.95
N PRO C 25 -7.55 -1.61 5.48
CA PRO C 25 -7.24 -2.79 6.31
C PRO C 25 -6.29 -2.49 7.47
N GLY C 26 -6.19 -3.42 8.42
CA GLY C 26 -5.27 -3.31 9.53
C GLY C 26 -3.88 -3.80 9.14
N LYS C 27 -3.84 -4.78 8.21
CA LYS C 27 -2.64 -5.50 7.74
C LYS C 27 -2.19 -5.12 6.31
N MET C 28 -0.87 -5.27 6.01
N MET C 28 -0.86 -5.22 6.02
CA MET C 28 -0.25 -5.02 4.69
CA MET C 28 -0.35 -4.95 4.67
C MET C 28 -0.39 -6.31 3.86
C MET C 28 -0.39 -6.25 3.86
N TYR C 29 -1.30 -6.30 2.89
CA TYR C 29 -1.52 -7.46 2.03
C TYR C 29 -0.49 -7.50 0.93
N GLY C 30 -0.09 -8.70 0.55
CA GLY C 30 0.90 -8.94 -0.48
C GLY C 30 2.34 -8.69 -0.05
N ARG C 31 2.59 -8.57 1.28
CA ARG C 31 3.93 -8.33 1.85
C ARG C 31 4.97 -9.37 1.47
N ASN C 32 4.64 -10.67 1.62
CA ASN C 32 5.56 -11.78 1.29
C ASN C 32 5.95 -11.76 -0.19
N GLU C 33 4.98 -11.41 -1.06
CA GLU C 33 5.19 -11.29 -2.51
C GLU C 33 6.10 -10.12 -2.83
N LEU C 34 5.93 -9.00 -2.10
CA LEU C 34 6.77 -7.83 -2.29
C LEU C 34 8.23 -8.11 -1.87
N ILE C 35 8.43 -8.88 -0.76
CA ILE C 35 9.76 -9.25 -0.28
C ILE C 35 10.41 -10.20 -1.31
N ALA C 36 9.66 -11.22 -1.80
CA ALA C 36 10.14 -12.17 -2.81
C ALA C 36 10.57 -11.41 -4.07
N ARG C 37 9.75 -10.45 -4.53
CA ARG C 37 10.03 -9.61 -5.70
C ARG C 37 11.31 -8.78 -5.48
N TYR C 38 11.43 -8.13 -4.30
CA TYR C 38 12.59 -7.30 -3.97
C TYR C 38 13.88 -8.11 -4.04
N ILE C 39 13.88 -9.33 -3.45
CA ILE C 39 15.02 -10.25 -3.46
C ILE C 39 15.39 -10.59 -4.92
N LYS C 40 14.37 -10.92 -5.74
CA LYS C 40 14.53 -11.27 -7.15
C LYS C 40 15.21 -10.15 -7.95
N LEU C 41 14.70 -8.90 -7.84
CA LEU C 41 15.27 -7.78 -8.59
C LEU C 41 16.66 -7.38 -8.10
N ARG C 42 16.94 -7.56 -6.78
CA ARG C 42 18.23 -7.20 -6.22
C ARG C 42 19.33 -8.25 -6.38
N THR C 43 19.02 -9.55 -6.17
CA THR C 43 20.00 -10.65 -6.22
C THR C 43 19.90 -11.52 -7.49
N GLY C 44 18.77 -11.48 -8.19
CA GLY C 44 18.51 -12.31 -9.37
C GLY C 44 18.01 -13.70 -9.01
N LYS C 45 17.89 -13.98 -7.70
CA LYS C 45 17.48 -15.27 -7.15
C LYS C 45 16.03 -15.30 -6.74
N THR C 46 15.36 -16.44 -7.04
CA THR C 46 13.97 -16.68 -6.75
C THR C 46 13.80 -17.38 -5.41
N ARG C 47 13.03 -16.74 -4.55
CA ARG C 47 12.61 -17.28 -3.26
C ARG C 47 11.10 -17.16 -3.28
N THR C 48 10.44 -18.28 -3.02
CA THR C 48 8.99 -18.41 -3.05
C THR C 48 8.34 -17.64 -1.88
N ARG C 49 7.03 -17.32 -1.99
CA ARG C 49 6.27 -16.62 -0.95
C ARG C 49 6.25 -17.42 0.36
N LYS C 50 6.11 -18.77 0.26
CA LYS C 50 6.14 -19.70 1.42
C LYS C 50 7.52 -19.70 2.07
N GLN C 51 8.59 -19.71 1.25
CA GLN C 51 9.99 -19.63 1.71
C GLN C 51 10.22 -18.31 2.46
N VAL C 52 9.66 -17.18 1.94
CA VAL C 52 9.78 -15.86 2.57
C VAL C 52 9.07 -15.88 3.93
N SER C 53 7.81 -16.35 3.92
CA SER C 53 6.94 -16.50 5.08
C SER C 53 7.59 -17.36 6.16
N SER C 54 8.11 -18.54 5.78
CA SER C 54 8.78 -19.48 6.67
C SER C 54 10.04 -18.85 7.29
N HIS C 55 10.79 -18.03 6.51
CA HIS C 55 11.99 -17.35 6.97
C HIS C 55 11.67 -16.24 7.99
N ILE C 56 10.55 -15.53 7.81
CA ILE C 56 10.10 -14.48 8.73
C ILE C 56 9.79 -15.10 10.11
N GLN C 57 9.09 -16.26 10.11
CA GLN C 57 8.70 -17.01 11.32
C GLN C 57 9.92 -17.53 12.08
N VAL C 58 10.93 -18.07 11.36
CA VAL C 58 12.18 -18.58 11.96
C VAL C 58 12.95 -17.42 12.63
N LEU C 59 13.11 -16.29 11.92
CA LEU C 59 13.81 -15.10 12.40
C LEU C 59 13.09 -14.36 13.55
N ALA C 60 11.74 -14.53 13.65
CA ALA C 60 10.94 -13.93 14.72
C ALA C 60 10.97 -14.80 15.99
N ARG C 61 11.39 -16.08 15.85
CA ARG C 61 11.49 -17.05 16.95
C ARG C 61 12.96 -17.37 17.26
#